data_5F1F
#
_entry.id   5F1F
#
_cell.length_a   49.874
_cell.length_b   59.342
_cell.length_c   111.841
_cell.angle_alpha   90.00
_cell.angle_beta   90.00
_cell.angle_gamma   90.00
#
_symmetry.space_group_name_H-M   'P 21 21 21'
#
loop_
_entity.id
_entity.type
_entity.pdbx_description
1 polymer Beta-lactamase
2 non-polymer 'CADMIUM ION'
3 non-polymer 'ADENOSINE MONOPHOSPHATE'
4 water water
#
_entity_poly.entity_id   1
_entity_poly.type   'polypeptide(L)'
_entity_poly.pdbx_seq_one_letter_code
;MHHHHHHGEASPVDPLRPVVDASIQPLLKEHRIPGMAVAVLKDGKAHYFNYGVANRESGAGVSEQTLFEIGSVSKTLTAT
LGAYAVVKGAMQLDDKASRHAPWLKGSAFDSITMGELATYSAGGLPLQFPEEVDSSEKMRAYYRQWAPVYSPGSHRQYSN
PSIGLFGHLAASSLKQPFAPLMEQTLLPGLGMHHTYVNVPKQAMASYAYGYSKEDKPIRVNPGMLADEAYGIKTSSADLL
RFVKANIGGVDDKALQQAISLTHQGHYSVGGMTQGLGWESYAYPVTEQTLLAGNSAKVILEANPTAAPRESGSQVLFNKT
GSTNGFGAYVAFVPARGIGIVMLANRNYPIEARIKAAHAILAQLAG
;
_entity_poly.pdbx_strand_id   A
#
# COMPACT_ATOMS: atom_id res chain seq x y z
N HIS A 6 29.45 -22.53 0.92
CA HIS A 6 28.42 -23.50 1.29
C HIS A 6 28.19 -24.59 0.23
N HIS A 7 29.17 -24.95 -0.61
CA HIS A 7 28.81 -25.99 -1.57
C HIS A 7 28.79 -27.22 -0.73
N GLY A 8 28.23 -28.25 -1.33
CA GLY A 8 28.01 -29.46 -0.62
C GLY A 8 26.67 -29.51 0.09
N GLU A 9 25.99 -28.37 0.25
CA GLU A 9 24.64 -28.41 0.81
C GLU A 9 23.61 -28.69 -0.26
N ALA A 10 22.56 -29.39 0.13
CA ALA A 10 21.44 -29.63 -0.76
C ALA A 10 20.82 -28.27 -1.09
N SER A 11 20.54 -28.04 -2.37
CA SER A 11 19.91 -26.78 -2.78
C SER A 11 18.42 -26.86 -2.46
N PRO A 12 17.78 -25.71 -2.24
CA PRO A 12 16.34 -25.70 -1.92
C PRO A 12 15.50 -26.51 -2.92
N VAL A 13 14.46 -27.17 -2.42
CA VAL A 13 13.59 -28.06 -3.21
C VAL A 13 12.55 -27.31 -4.08
N ASP A 14 12.18 -26.11 -3.66
CA ASP A 14 11.13 -25.36 -4.33
C ASP A 14 11.47 -25.01 -5.79
N PRO A 15 10.63 -25.44 -6.76
CA PRO A 15 10.88 -25.17 -8.18
C PRO A 15 10.88 -23.68 -8.54
N LEU A 16 10.26 -22.84 -7.71
CA LEU A 16 10.21 -21.41 -8.01
C LEU A 16 11.40 -20.65 -7.44
N ARG A 17 12.19 -21.30 -6.57
CA ARG A 17 13.33 -20.63 -5.97
C ARG A 17 14.31 -20.05 -7.01
N PRO A 18 14.63 -20.80 -8.09
CA PRO A 18 15.57 -20.23 -9.06
C PRO A 18 15.06 -18.99 -9.75
N VAL A 19 13.77 -19.00 -10.11
CA VAL A 19 13.13 -17.84 -10.74
C VAL A 19 13.20 -16.60 -9.85
N VAL A 20 12.86 -16.77 -8.58
CA VAL A 20 12.85 -15.64 -7.66
C VAL A 20 14.27 -15.17 -7.36
N ASP A 21 15.17 -16.10 -7.01
CA ASP A 21 16.56 -15.74 -6.80
C ASP A 21 17.15 -14.94 -7.96
N ALA A 22 16.83 -15.35 -9.18
CA ALA A 22 17.48 -14.75 -10.34
C ALA A 22 17.14 -13.28 -10.45
N SER A 23 15.94 -12.91 -10.00
CA SER A 23 15.54 -11.50 -10.06
C SER A 23 15.89 -10.76 -8.78
N ILE A 24 15.82 -11.43 -7.65
CA ILE A 24 16.03 -10.75 -6.37
C ILE A 24 17.49 -10.61 -5.95
N GLN A 25 18.30 -11.65 -6.13
CA GLN A 25 19.69 -11.56 -5.66
C GLN A 25 20.52 -10.42 -6.26
N PRO A 26 20.41 -10.17 -7.57
CA PRO A 26 21.14 -9.02 -8.13
C PRO A 26 20.76 -7.71 -7.47
N LEU A 27 19.49 -7.61 -7.14
CA LEU A 27 18.89 -6.41 -6.58
C LEU A 27 19.47 -6.13 -5.19
N LEU A 28 19.57 -7.19 -4.38
CA LEU A 28 20.14 -7.05 -3.05
C LEU A 28 21.59 -6.57 -3.14
N LYS A 29 22.34 -7.11 -4.09
CA LYS A 29 23.75 -6.75 -4.14
C LYS A 29 23.92 -5.33 -4.68
N GLU A 30 23.16 -5.00 -5.73
CA GLU A 30 23.30 -3.70 -6.39
C GLU A 30 22.96 -2.54 -5.47
N HIS A 31 21.90 -2.69 -4.68
CA HIS A 31 21.49 -1.61 -3.80
C HIS A 31 21.85 -1.84 -2.35
N ARG A 32 22.70 -2.83 -2.09
CA ARG A 32 23.20 -3.05 -0.74
C ARG A 32 22.03 -3.18 0.26
N ILE A 33 21.05 -3.97 -0.12
CA ILE A 33 19.87 -4.15 0.71
C ILE A 33 20.18 -5.14 1.82
N PRO A 34 19.99 -4.75 3.09
CA PRO A 34 20.37 -5.67 4.16
C PRO A 34 19.49 -6.93 4.22
N GLY A 35 18.19 -6.80 3.98
CA GLY A 35 17.30 -7.94 4.08
C GLY A 35 16.05 -7.75 3.24
N MET A 36 15.50 -8.86 2.74
CA MET A 36 14.25 -8.81 1.98
C MET A 36 13.46 -10.08 2.19
N ALA A 37 12.16 -9.92 2.45
CA ALA A 37 11.24 -11.05 2.49
C ALA A 37 10.41 -11.03 1.20
N VAL A 38 10.44 -12.10 0.45
CA VAL A 38 9.67 -12.20 -0.78
C VAL A 38 8.67 -13.34 -0.64
N ALA A 39 7.43 -13.09 -1.05
CA ALA A 39 6.41 -14.14 -1.02
C ALA A 39 5.72 -14.15 -2.36
N VAL A 40 5.54 -15.34 -2.94
CA VAL A 40 4.82 -15.43 -4.21
C VAL A 40 3.65 -16.40 -4.10
N LEU A 41 2.62 -16.10 -4.88
CA LEU A 41 1.43 -16.95 -4.99
C LEU A 41 1.37 -17.55 -6.37
N LYS A 42 1.21 -18.87 -6.45
CA LYS A 42 1.03 -19.59 -7.72
C LYS A 42 0.20 -20.84 -7.41
N ASP A 43 -0.81 -21.10 -8.23
CA ASP A 43 -1.62 -22.32 -8.09
C ASP A 43 -2.13 -22.54 -6.67
N GLY A 44 -2.64 -21.46 -6.09
CA GLY A 44 -3.25 -21.47 -4.76
C GLY A 44 -2.28 -21.44 -3.59
N LYS A 45 -0.99 -21.68 -3.85
CA LYS A 45 0.01 -21.86 -2.78
C LYS A 45 0.98 -20.69 -2.64
N ALA A 46 1.24 -20.34 -1.39
CA ALA A 46 2.27 -19.37 -1.01
C ALA A 46 3.65 -20.00 -0.94
N HIS A 47 4.62 -19.27 -1.46
CA HIS A 47 6.03 -19.65 -1.40
C HIS A 47 6.82 -18.49 -0.81
N TYR A 48 7.73 -18.78 0.11
CA TYR A 48 8.48 -17.74 0.78
C TYR A 48 9.97 -17.86 0.50
N PHE A 49 10.57 -16.76 0.11
CA PHE A 49 12.00 -16.70 -0.15
C PHE A 49 12.55 -15.54 0.62
N ASN A 50 13.48 -15.83 1.52
CA ASN A 50 13.97 -14.83 2.44
C ASN A 50 15.45 -14.63 2.30
N TYR A 51 15.87 -13.38 2.46
CA TYR A 51 17.24 -12.97 2.13
C TYR A 51 17.79 -12.06 3.22
N GLY A 52 19.02 -12.31 3.65
CA GLY A 52 19.68 -11.32 4.48
C GLY A 52 19.17 -11.20 5.89
N VAL A 53 19.39 -10.02 6.48
CA VAL A 53 19.15 -9.82 7.89
C VAL A 53 18.18 -8.69 8.15
N ALA A 54 17.38 -8.90 9.18
CA ALA A 54 16.34 -7.96 9.60
C ALA A 54 16.91 -6.89 10.48
N ASN A 55 17.91 -7.26 11.29
CA ASN A 55 18.40 -6.37 12.29
C ASN A 55 19.90 -6.66 12.43
N ARG A 56 20.75 -5.73 12.02
CA ARG A 56 22.19 -6.00 12.07
C ARG A 56 22.73 -6.16 13.50
N GLU A 57 22.00 -5.65 14.49
CA GLU A 57 22.45 -5.81 15.88
C GLU A 57 22.23 -7.23 16.38
N SER A 58 21.13 -7.85 15.97
CA SER A 58 20.87 -9.23 16.42
C SER A 58 21.42 -10.25 15.43
N GLY A 59 21.61 -9.81 14.19
CA GLY A 59 22.06 -10.68 13.12
C GLY A 59 20.98 -11.65 12.69
N ALA A 60 19.76 -11.44 13.19
CA ALA A 60 18.65 -12.34 12.90
C ALA A 60 18.35 -12.32 11.42
N GLY A 61 18.16 -13.48 10.83
CA GLY A 61 17.77 -13.50 9.43
C GLY A 61 16.31 -13.08 9.23
N VAL A 62 16.06 -12.52 8.06
CA VAL A 62 14.70 -12.26 7.63
C VAL A 62 13.93 -13.56 7.47
N SER A 63 12.66 -13.58 7.90
CA SER A 63 11.77 -14.68 7.57
C SER A 63 10.46 -14.10 7.12
N GLU A 64 9.52 -14.96 6.77
CA GLU A 64 8.20 -14.45 6.36
C GLU A 64 7.36 -14.02 7.56
N GLN A 65 7.95 -14.05 8.76
CA GLN A 65 7.30 -13.51 9.95
C GLN A 65 7.89 -12.16 10.37
N THR A 66 8.99 -11.76 9.73
CA THR A 66 9.62 -10.48 10.04
C THR A 66 8.68 -9.34 9.70
N LEU A 67 8.59 -8.35 10.59
CA LEU A 67 7.78 -7.16 10.30
C LEU A 67 8.61 -6.09 9.60
N PHE A 68 8.05 -5.54 8.52
CA PHE A 68 8.66 -4.44 7.78
C PHE A 68 7.69 -3.29 7.75
N GLU A 69 8.19 -2.05 7.75
CA GLU A 69 7.33 -0.91 7.37
C GLU A 69 7.04 -1.01 5.90
N ILE A 70 5.78 -0.77 5.53
CA ILE A 70 5.44 -0.85 4.12
C ILE A 70 5.03 0.52 3.53
N GLY A 71 5.13 1.58 4.33
CA GLY A 71 4.87 2.94 3.85
C GLY A 71 3.53 2.98 3.14
N SER A 72 3.53 3.55 1.95
CA SER A 72 2.24 3.75 1.26
C SER A 72 1.50 2.49 0.80
N VAL A 73 2.08 1.30 0.93
CA VAL A 73 1.24 0.12 0.73
C VAL A 73 0.12 0.10 1.79
N SER A 74 0.34 0.79 2.91
CA SER A 74 -0.71 0.98 3.91
C SER A 74 -1.99 1.53 3.31
N LYS A 75 -1.85 2.30 2.24
CA LYS A 75 -3.00 2.96 1.62
C LYS A 75 -4.02 1.94 1.08
N THR A 76 -3.56 0.74 0.73
CA THR A 76 -4.51 -0.28 0.29
C THR A 76 -5.34 -0.81 1.46
N LEU A 77 -4.75 -0.87 2.66
CA LEU A 77 -5.49 -1.28 3.85
C LEU A 77 -6.43 -0.16 4.31
N THR A 78 -5.93 1.07 4.34
CA THR A 78 -6.79 2.23 4.61
C THR A 78 -7.97 2.33 3.64
N ALA A 79 -7.72 2.08 2.36
CA ALA A 79 -8.82 2.08 1.39
C ALA A 79 -9.83 0.97 1.71
N THR A 80 -9.34 -0.19 2.13
CA THR A 80 -10.24 -1.29 2.47
C THR A 80 -11.09 -0.94 3.70
N LEU A 81 -10.50 -0.24 4.68
CA LEU A 81 -11.27 0.24 5.81
C LEU A 81 -12.36 1.21 5.33
N GLY A 82 -12.01 2.13 4.43
CA GLY A 82 -13.03 3.03 3.92
C GLY A 82 -14.13 2.30 3.17
N ALA A 83 -13.74 1.33 2.35
CA ALA A 83 -14.72 0.55 1.63
C ALA A 83 -15.61 -0.22 2.60
N TYR A 84 -15.05 -0.66 3.71
CA TYR A 84 -15.86 -1.36 4.75
C TYR A 84 -16.89 -0.41 5.36
N ALA A 85 -16.51 0.82 5.62
CA ALA A 85 -17.47 1.81 6.08
C ALA A 85 -18.59 2.03 5.05
N VAL A 86 -18.27 2.00 3.75
CA VAL A 86 -19.30 2.11 2.72
C VAL A 86 -20.25 0.91 2.80
N VAL A 87 -19.68 -0.27 2.88
CA VAL A 87 -20.51 -1.47 2.89
C VAL A 87 -21.41 -1.49 4.11
N LYS A 88 -20.92 -0.99 5.25
CA LYS A 88 -21.73 -0.96 6.47
C LYS A 88 -22.75 0.16 6.49
N GLY A 89 -22.71 1.04 5.49
CA GLY A 89 -23.68 2.12 5.36
C GLY A 89 -23.36 3.36 6.17
N ALA A 90 -22.15 3.43 6.70
CA ALA A 90 -21.73 4.53 7.57
C ALA A 90 -21.35 5.77 6.76
N MET A 91 -21.04 5.54 5.49
CA MET A 91 -20.62 6.60 4.59
C MET A 91 -20.84 6.15 3.17
N GLN A 92 -20.93 7.12 2.27
CA GLN A 92 -20.93 6.85 0.84
C GLN A 92 -19.76 7.59 0.20
N LEU A 93 -19.23 7.04 -0.90
CA LEU A 93 -18.10 7.70 -1.56
C LEU A 93 -18.50 9.09 -2.07
N ASP A 94 -19.78 9.31 -2.41
CA ASP A 94 -20.18 10.63 -2.89
C ASP A 94 -20.55 11.60 -1.77
N ASP A 95 -20.41 11.18 -0.50
CA ASP A 95 -20.63 12.13 0.63
C ASP A 95 -19.63 13.26 0.50
N LYS A 96 -20.07 14.50 0.77
CA LYS A 96 -19.12 15.57 1.02
C LYS A 96 -18.32 15.27 2.27
N ALA A 97 -17.03 15.55 2.22
CA ALA A 97 -16.17 15.23 3.38
C ALA A 97 -16.65 15.92 4.66
N SER A 98 -17.22 17.14 4.55
CA SER A 98 -17.61 17.84 5.78
C SER A 98 -18.85 17.18 6.43
N ARG A 99 -19.52 16.28 5.73
CA ARG A 99 -20.57 15.49 6.41
C ARG A 99 -20.01 14.69 7.57
N HIS A 100 -18.74 14.32 7.50
CA HIS A 100 -18.16 13.43 8.49
C HIS A 100 -17.21 14.12 9.47
N ALA A 101 -17.16 15.44 9.38
CA ALA A 101 -16.39 16.24 10.32
C ALA A 101 -16.96 17.64 10.43
N PRO A 102 -17.68 17.89 11.54
CA PRO A 102 -18.21 19.22 11.82
C PRO A 102 -17.18 20.32 11.69
N TRP A 103 -15.92 20.07 12.09
CA TRP A 103 -14.89 21.10 12.03
C TRP A 103 -14.52 21.46 10.58
N LEU A 104 -14.97 20.67 9.61
CA LEU A 104 -14.73 20.98 8.21
C LEU A 104 -15.84 21.80 7.54
N LYS A 105 -16.98 21.94 8.22
CA LYS A 105 -18.08 22.69 7.63
C LYS A 105 -17.63 24.13 7.36
N GLY A 106 -18.00 24.64 6.20
CA GLY A 106 -17.62 25.99 5.83
C GLY A 106 -16.39 26.08 4.93
N SER A 107 -15.66 24.99 4.81
CA SER A 107 -14.42 24.97 4.07
C SER A 107 -14.64 24.41 2.66
N ALA A 108 -13.56 24.33 1.88
CA ALA A 108 -13.64 23.72 0.54
C ALA A 108 -14.17 22.29 0.64
N PHE A 109 -14.03 21.68 1.81
CA PHE A 109 -14.43 20.28 1.96
C PHE A 109 -15.94 20.08 2.08
N ASP A 110 -16.72 21.18 2.07
CA ASP A 110 -18.14 21.11 1.81
C ASP A 110 -18.43 20.62 0.38
N SER A 111 -17.47 20.74 -0.53
CA SER A 111 -17.77 20.44 -1.93
C SER A 111 -16.76 19.49 -2.56
N ILE A 112 -16.15 18.66 -1.72
CA ILE A 112 -15.18 17.64 -2.10
C ILE A 112 -15.70 16.35 -1.52
N THR A 113 -15.68 15.25 -2.28
CA THR A 113 -16.27 14.01 -1.79
C THR A 113 -15.24 13.11 -1.10
N MET A 114 -15.76 12.15 -0.35
CA MET A 114 -14.93 11.13 0.27
C MET A 114 -14.14 10.35 -0.79
N GLY A 115 -14.81 10.02 -1.90
CA GLY A 115 -14.14 9.37 -3.02
C GLY A 115 -12.98 10.18 -3.56
N GLU A 116 -13.15 11.50 -3.68
CA GLU A 116 -12.08 12.34 -4.22
C GLU A 116 -10.90 12.37 -3.27
N LEU A 117 -11.16 12.40 -1.97
CA LEU A 117 -10.06 12.30 -1.01
C LEU A 117 -9.33 10.97 -1.19
N ALA A 118 -10.10 9.90 -1.31
CA ALA A 118 -9.51 8.56 -1.38
C ALA A 118 -8.62 8.40 -2.60
N THR A 119 -9.01 9.03 -3.71
CA THR A 119 -8.35 8.86 -5.01
C THR A 119 -7.48 10.06 -5.41
N TYR A 120 -7.12 10.89 -4.42
CA TYR A 120 -6.14 11.98 -4.59
C TYR A 120 -6.63 12.99 -5.62
N SER A 121 -7.94 13.14 -5.76
CA SER A 121 -8.46 13.96 -6.85
C SER A 121 -9.31 15.11 -6.34
N ALA A 122 -9.13 15.47 -5.08
CA ALA A 122 -9.90 16.53 -4.46
C ALA A 122 -9.58 17.92 -5.02
N GLY A 123 -8.40 18.09 -5.63
CA GLY A 123 -8.01 19.36 -6.24
C GLY A 123 -6.67 19.90 -5.83
N GLY A 124 -5.71 19.02 -5.61
CA GLY A 124 -4.35 19.49 -5.43
C GLY A 124 -3.83 19.53 -4.01
N LEU A 125 -4.42 18.72 -3.13
CA LEU A 125 -3.78 18.55 -1.83
C LEU A 125 -2.37 18.00 -2.12
N PRO A 126 -1.36 18.48 -1.36
CA PRO A 126 0.05 18.15 -1.64
C PRO A 126 0.45 16.75 -1.22
N LEU A 127 1.62 16.33 -1.68
CA LEU A 127 2.14 15.00 -1.35
C LEU A 127 2.26 14.79 0.15
N GLN A 128 2.79 15.79 0.84
CA GLN A 128 2.98 15.74 2.29
C GLN A 128 2.35 16.95 2.98
N PHE A 129 1.96 16.80 4.24
CA PHE A 129 1.70 17.96 5.07
C PHE A 129 2.95 18.84 5.10
N PRO A 130 2.76 20.16 5.14
CA PRO A 130 3.85 21.08 5.46
C PRO A 130 4.49 20.62 6.79
N GLU A 131 5.82 20.73 6.90
CA GLU A 131 6.48 20.21 8.10
C GLU A 131 6.01 20.90 9.37
N GLU A 132 5.51 22.13 9.25
CA GLU A 132 4.95 22.82 10.40
C GLU A 132 3.67 22.19 10.95
N VAL A 133 2.98 21.38 10.15
CA VAL A 133 1.71 20.79 10.59
C VAL A 133 2.00 19.54 11.40
N ASP A 134 2.13 19.70 12.72
CA ASP A 134 2.64 18.59 13.52
C ASP A 134 1.78 18.29 14.74
N SER A 135 0.53 18.75 14.72
CA SER A 135 -0.42 18.45 15.80
C SER A 135 -1.79 18.34 15.20
N SER A 136 -2.72 17.72 15.94
CA SER A 136 -4.07 17.60 15.45
C SER A 136 -4.71 18.95 15.24
N GLU A 137 -4.49 19.86 16.18
CA GLU A 137 -5.04 21.22 16.04
C GLU A 137 -4.48 21.91 14.78
N LYS A 138 -3.19 21.78 14.53
CA LYS A 138 -2.59 22.42 13.37
C LYS A 138 -3.07 21.76 12.08
N MET A 139 -3.32 20.46 12.15
CA MET A 139 -3.86 19.73 11.00
C MET A 139 -5.24 20.25 10.61
N ARG A 140 -6.12 20.37 11.59
CA ARG A 140 -7.45 20.90 11.31
C ARG A 140 -7.38 22.29 10.67
N ALA A 141 -6.52 23.16 11.23
CA ALA A 141 -6.35 24.50 10.70
C ALA A 141 -5.82 24.47 9.27
N TYR A 142 -4.87 23.57 9.00
CA TYR A 142 -4.33 23.38 7.67
C TYR A 142 -5.43 23.08 6.66
N TYR A 143 -6.28 22.11 6.95
CA TYR A 143 -7.34 21.79 5.98
C TYR A 143 -8.33 22.94 5.82
N ARG A 144 -8.64 23.66 6.88
CA ARG A 144 -9.63 24.74 6.75
C ARG A 144 -9.08 25.91 5.93
N GLN A 145 -7.76 26.08 5.92
CA GLN A 145 -7.12 27.19 5.21
C GLN A 145 -6.80 26.81 3.77
N TRP A 146 -6.83 25.50 3.47
CA TRP A 146 -6.31 25.03 2.20
C TRP A 146 -7.13 25.52 0.98
N ALA A 147 -6.41 26.07 0.01
CA ALA A 147 -6.97 26.61 -1.22
C ALA A 147 -6.88 25.60 -2.36
N PRO A 148 -8.02 25.16 -2.87
CA PRO A 148 -7.99 24.27 -4.04
C PRO A 148 -7.16 24.85 -5.17
N VAL A 149 -6.40 23.98 -5.81
CA VAL A 149 -5.60 24.32 -7.00
C VAL A 149 -6.37 23.99 -8.29
N TYR A 150 -7.13 22.90 -8.22
CA TYR A 150 -7.87 22.33 -9.36
C TYR A 150 -9.30 22.07 -8.96
N SER A 151 -10.21 22.01 -9.93
CA SER A 151 -11.58 21.60 -9.66
C SER A 151 -11.61 20.15 -9.18
N PRO A 152 -12.51 19.83 -8.22
CA PRO A 152 -12.61 18.44 -7.78
C PRO A 152 -12.81 17.47 -8.93
N GLY A 153 -12.09 16.36 -8.89
CA GLY A 153 -12.23 15.33 -9.89
C GLY A 153 -11.34 15.46 -11.11
N SER A 154 -10.74 16.63 -11.34
CA SER A 154 -10.08 16.87 -12.61
C SER A 154 -8.62 16.44 -12.69
N HIS A 155 -7.93 16.36 -11.55
CA HIS A 155 -6.51 16.03 -11.55
C HIS A 155 -6.17 15.10 -10.41
N ARG A 156 -5.26 14.17 -10.68
CA ARG A 156 -4.68 13.29 -9.62
C ARG A 156 -3.40 13.94 -9.12
N GLN A 157 -3.34 14.26 -7.84
CA GLN A 157 -2.08 14.68 -7.22
C GLN A 157 -1.90 13.77 -6.02
N TYR A 158 -1.00 12.81 -6.17
CA TYR A 158 -0.80 11.79 -5.13
C TYR A 158 -0.49 12.47 -3.80
N SER A 159 -1.14 12.03 -2.72
CA SER A 159 -1.22 12.87 -1.53
C SER A 159 -1.53 12.12 -0.25
N ASN A 160 -0.62 12.25 0.72
CA ASN A 160 -0.85 11.68 2.03
C ASN A 160 -1.95 12.43 2.80
N PRO A 161 -1.96 13.79 2.80
CA PRO A 161 -3.12 14.45 3.42
C PRO A 161 -4.46 14.04 2.82
N SER A 162 -4.50 13.75 1.53
CA SER A 162 -5.78 13.39 0.90
C SER A 162 -6.34 12.03 1.37
N ILE A 163 -5.61 10.96 1.11
CA ILE A 163 -6.15 9.67 1.55
C ILE A 163 -6.06 9.51 3.07
N GLY A 164 -5.11 10.18 3.72
CA GLY A 164 -5.12 10.21 5.17
C GLY A 164 -6.44 10.75 5.72
N LEU A 165 -6.95 11.85 5.16
CA LEU A 165 -8.22 12.38 5.67
C LEU A 165 -9.34 11.43 5.34
N PHE A 166 -9.30 10.81 4.15
CA PHE A 166 -10.30 9.78 3.83
C PHE A 166 -10.37 8.69 4.89
N GLY A 167 -9.21 8.16 5.27
CA GLY A 167 -9.18 7.13 6.28
C GLY A 167 -9.62 7.65 7.66
N HIS A 168 -9.21 8.88 8.05
CA HIS A 168 -9.63 9.49 9.38
C HIS A 168 -11.12 9.54 9.42
N LEU A 169 -11.70 10.10 8.37
CA LEU A 169 -13.13 10.36 8.37
C LEU A 169 -13.94 9.05 8.22
N ALA A 170 -13.38 8.04 7.55
CA ALA A 170 -14.08 6.75 7.46
C ALA A 170 -14.14 6.10 8.83
N ALA A 171 -13.03 6.17 9.55
CA ALA A 171 -13.00 5.64 10.92
C ALA A 171 -14.01 6.40 11.78
N SER A 172 -14.05 7.72 11.60
CA SER A 172 -14.97 8.52 12.39
C SER A 172 -16.41 8.11 12.07
N SER A 173 -16.71 7.80 10.81
CA SER A 173 -18.07 7.43 10.45
C SER A 173 -18.51 6.12 11.15
N LEU A 174 -17.52 5.30 11.48
CA LEU A 174 -17.73 4.01 12.15
C LEU A 174 -17.65 4.14 13.67
N LYS A 175 -17.38 5.35 14.15
CA LYS A 175 -17.40 5.69 15.58
C LYS A 175 -16.31 4.95 16.37
N GLN A 176 -15.15 4.74 15.75
CA GLN A 176 -13.99 4.20 16.46
C GLN A 176 -12.71 4.82 15.92
N PRO A 177 -11.71 5.08 16.79
CA PRO A 177 -10.43 5.59 16.26
C PRO A 177 -9.84 4.64 15.23
N PHE A 178 -9.11 5.24 14.28
CA PHE A 178 -8.58 4.50 13.14
C PHE A 178 -7.73 3.28 13.54
N ALA A 179 -6.72 3.47 14.40
CA ALA A 179 -5.78 2.38 14.64
C ALA A 179 -6.44 1.16 15.32
N PRO A 180 -7.26 1.36 16.36
CA PRO A 180 -7.93 0.17 16.91
C PRO A 180 -8.97 -0.45 15.98
N LEU A 181 -9.65 0.36 15.18
CA LEU A 181 -10.56 -0.18 14.18
C LEU A 181 -9.79 -1.07 13.21
N MET A 182 -8.67 -0.58 12.74
CA MET A 182 -7.84 -1.35 11.83
C MET A 182 -7.34 -2.65 12.46
N GLU A 183 -6.83 -2.54 13.68
CA GLU A 183 -6.22 -3.69 14.33
C GLU A 183 -7.22 -4.71 14.90
N GLN A 184 -8.40 -4.25 15.28
CA GLN A 184 -9.33 -5.15 15.97
C GLN A 184 -10.45 -5.64 15.07
N THR A 185 -10.74 -4.92 13.97
CA THR A 185 -11.79 -5.35 13.06
C THR A 185 -11.25 -5.75 11.68
N LEU A 186 -10.55 -4.83 11.01
CA LEU A 186 -10.17 -5.09 9.64
C LEU A 186 -9.11 -6.14 9.48
N LEU A 187 -7.97 -5.93 10.13
CA LEU A 187 -6.88 -6.89 9.93
C LEU A 187 -7.21 -8.34 10.34
N PRO A 188 -7.89 -8.55 11.48
CA PRO A 188 -8.23 -9.94 11.80
C PRO A 188 -9.11 -10.60 10.74
N GLY A 189 -10.04 -9.86 10.15
CA GLY A 189 -10.92 -10.41 9.15
C GLY A 189 -10.21 -10.71 7.85
N LEU A 190 -9.08 -10.04 7.62
CA LEU A 190 -8.24 -10.33 6.45
C LEU A 190 -7.26 -11.47 6.70
N GLY A 191 -7.33 -12.09 7.87
CA GLY A 191 -6.39 -13.14 8.26
C GLY A 191 -4.99 -12.63 8.54
N MET A 192 -4.88 -11.33 8.84
CA MET A 192 -3.59 -10.67 9.05
C MET A 192 -3.34 -10.46 10.53
N HIS A 193 -2.94 -11.56 11.19
CA HIS A 193 -2.78 -11.60 12.64
C HIS A 193 -1.39 -11.20 13.09
N HIS A 194 -0.56 -10.77 12.16
CA HIS A 194 0.78 -10.30 12.49
C HIS A 194 1.02 -8.98 11.72
N THR A 195 0.00 -8.12 11.75
CA THR A 195 0.04 -6.83 11.06
C THR A 195 -0.45 -5.75 12.02
N TYR A 196 0.24 -4.62 12.05
CA TYR A 196 -0.01 -3.62 13.08
C TYR A 196 0.15 -2.20 12.56
N VAL A 197 -0.61 -1.30 13.16
CA VAL A 197 -0.32 0.12 13.11
C VAL A 197 0.73 0.43 14.16
N ASN A 198 0.49 -0.10 15.36
CA ASN A 198 1.42 0.05 16.47
C ASN A 198 1.92 -1.32 16.89
N VAL A 199 3.20 -1.58 16.68
CA VAL A 199 3.73 -2.93 16.98
C VAL A 199 3.74 -3.12 18.50
N PRO A 200 3.10 -4.19 18.97
CA PRO A 200 3.03 -4.39 20.42
C PRO A 200 4.32 -5.03 20.93
N LYS A 201 4.49 -4.98 22.26
CA LYS A 201 5.66 -5.55 22.93
C LYS A 201 6.03 -6.96 22.50
N GLN A 202 5.03 -7.81 22.44
CA GLN A 202 5.16 -9.20 22.08
C GLN A 202 5.73 -9.42 20.65
N ALA A 203 5.53 -8.44 19.78
CA ALA A 203 5.96 -8.53 18.38
C ALA A 203 7.21 -7.72 18.04
N MET A 204 7.76 -6.97 19.01
CA MET A 204 8.86 -6.06 18.68
C MET A 204 10.14 -6.74 18.21
N ALA A 205 10.42 -7.94 18.70
CA ALA A 205 11.63 -8.63 18.29
C ALA A 205 11.58 -8.99 16.81
N SER A 206 10.38 -9.16 16.26
CA SER A 206 10.23 -9.50 14.84
C SER A 206 10.30 -8.28 13.92
N TYR A 207 10.32 -7.10 14.51
CA TYR A 207 10.30 -5.83 13.76
C TYR A 207 11.71 -5.51 13.28
N ALA A 208 11.92 -5.56 11.97
CA ALA A 208 13.18 -5.17 11.36
C ALA A 208 13.56 -3.74 11.71
N TYR A 209 14.85 -3.46 11.67
CA TYR A 209 15.27 -2.07 11.51
C TYR A 209 15.36 -1.73 10.03
N GLY A 210 15.01 -0.49 9.70
CA GLY A 210 15.28 0.03 8.36
C GLY A 210 16.69 0.55 8.32
N TYR A 211 17.23 0.66 7.11
CA TYR A 211 18.58 1.18 6.95
C TYR A 211 18.57 2.31 5.93
N SER A 212 19.05 3.47 6.38
CA SER A 212 19.18 4.65 5.52
C SER A 212 20.27 4.45 4.48
N LYS A 213 20.36 5.41 3.54
CA LYS A 213 21.43 5.39 2.55
C LYS A 213 22.83 5.45 3.20
N GLU A 214 22.92 6.08 4.36
CA GLU A 214 24.13 6.10 5.17
C GLU A 214 24.28 4.88 6.07
N ASP A 215 23.44 3.86 5.84
CA ASP A 215 23.49 2.62 6.61
C ASP A 215 23.23 2.80 8.09
N LYS A 216 22.45 3.80 8.43
CA LYS A 216 22.07 3.97 9.81
C LYS A 216 20.72 3.33 10.04
N PRO A 217 20.58 2.62 11.16
CA PRO A 217 19.30 1.97 11.52
C PRO A 217 18.24 3.02 11.87
N ILE A 218 17.07 2.91 11.23
CA ILE A 218 16.01 3.88 11.43
C ILE A 218 14.65 3.21 11.35
N ARG A 219 13.69 3.80 12.04
CA ARG A 219 12.30 3.42 11.85
C ARG A 219 11.45 4.66 11.58
N VAL A 220 10.23 4.46 11.15
CA VAL A 220 9.37 5.54 10.68
C VAL A 220 9.21 6.65 11.74
N ASN A 221 9.23 7.90 11.29
CA ASN A 221 9.04 9.03 12.18
C ASN A 221 7.55 9.30 12.35
N PRO A 222 7.15 9.78 13.54
CA PRO A 222 5.72 10.05 13.68
C PRO A 222 5.33 11.23 12.81
N GLY A 223 4.09 11.24 12.33
CA GLY A 223 3.58 12.36 11.56
C GLY A 223 2.07 12.38 11.58
N MET A 224 1.47 13.48 11.16
CA MET A 224 0.00 13.57 11.17
C MET A 224 -0.59 12.65 10.13
N LEU A 225 -1.60 11.89 10.56
CA LEU A 225 -2.28 10.87 9.75
C LEU A 225 -1.34 9.85 9.18
N ALA A 226 -0.19 9.64 9.82
CA ALA A 226 0.72 8.56 9.45
C ALA A 226 0.04 7.20 9.51
N ASP A 227 -0.79 6.98 10.51
CA ASP A 227 -1.44 5.68 10.66
C ASP A 227 -2.23 5.36 9.39
N GLU A 228 -2.98 6.37 8.92
CA GLU A 228 -3.87 6.26 7.78
C GLU A 228 -3.12 6.23 6.47
N ALA A 229 -2.08 7.04 6.34
CA ALA A 229 -1.41 7.19 5.05
C ALA A 229 -0.22 6.26 4.82
N TYR A 230 0.47 5.82 5.86
CA TYR A 230 1.68 5.04 5.62
C TYR A 230 2.17 4.26 6.84
N GLY A 231 1.27 3.90 7.74
CA GLY A 231 1.68 3.47 9.07
C GLY A 231 1.67 1.99 9.39
N ILE A 232 1.51 1.14 8.39
CA ILE A 232 1.44 -0.29 8.69
C ILE A 232 2.80 -0.97 8.72
N LYS A 233 2.96 -1.87 9.69
CA LYS A 233 4.03 -2.87 9.71
C LYS A 233 3.43 -4.25 9.48
N THR A 234 4.03 -5.04 8.61
CA THR A 234 3.49 -6.35 8.32
C THR A 234 4.60 -7.27 7.85
N SER A 235 4.25 -8.54 7.70
CA SER A 235 5.17 -9.57 7.23
C SER A 235 4.82 -9.96 5.81
N SER A 236 5.74 -10.65 5.15
CA SER A 236 5.46 -11.06 3.78
C SER A 236 4.31 -12.08 3.77
N ALA A 237 4.24 -12.95 4.78
CA ALA A 237 3.15 -13.92 4.81
C ALA A 237 1.79 -13.25 5.03
N ASP A 238 1.71 -12.24 5.89
CA ASP A 238 0.43 -11.54 6.09
C ASP A 238 0.05 -10.73 4.85
N LEU A 239 1.03 -10.11 4.21
CA LEU A 239 0.65 -9.35 3.01
C LEU A 239 0.26 -10.30 1.87
N LEU A 240 0.85 -11.49 1.80
CA LEU A 240 0.41 -12.40 0.76
C LEU A 240 -1.00 -12.90 1.11
N ARG A 241 -1.30 -13.04 2.40
CA ARG A 241 -2.68 -13.41 2.76
C ARG A 241 -3.64 -12.31 2.31
N PHE A 242 -3.20 -11.05 2.39
CA PHE A 242 -4.02 -9.94 1.88
C PHE A 242 -4.21 -10.05 0.36
N VAL A 243 -3.16 -10.42 -0.37
CA VAL A 243 -3.28 -10.70 -1.80
C VAL A 243 -4.33 -11.80 -2.03
N LYS A 244 -4.26 -12.90 -1.28
CA LYS A 244 -5.20 -14.01 -1.47
C LYS A 244 -6.63 -13.55 -1.13
N ALA A 245 -6.79 -12.69 -0.12
CA ALA A 245 -8.10 -12.13 0.18
C ALA A 245 -8.64 -11.32 -1.01
N ASN A 246 -7.74 -10.67 -1.74
CA ASN A 246 -8.11 -9.90 -2.93
C ASN A 246 -8.35 -10.74 -4.17
N ILE A 247 -8.15 -12.05 -4.06
CA ILE A 247 -8.40 -12.95 -5.18
C ILE A 247 -9.58 -13.86 -4.88
N GLY A 248 -9.49 -14.57 -3.76
CA GLY A 248 -10.50 -15.57 -3.45
C GLY A 248 -11.44 -15.16 -2.37
N GLY A 249 -11.22 -13.99 -1.81
CA GLY A 249 -12.13 -13.47 -0.81
C GLY A 249 -11.93 -13.90 0.64
N VAL A 250 -12.91 -13.57 1.49
CA VAL A 250 -12.84 -13.82 2.93
C VAL A 250 -14.19 -14.22 3.49
N ASP A 251 -14.19 -14.71 4.72
CA ASP A 251 -15.43 -15.20 5.31
C ASP A 251 -16.35 -14.08 5.80
N ASP A 252 -15.79 -12.95 6.23
CA ASP A 252 -16.62 -11.84 6.65
C ASP A 252 -17.27 -11.23 5.42
N LYS A 253 -18.60 -11.24 5.43
CA LYS A 253 -19.40 -10.83 4.30
C LYS A 253 -19.18 -9.38 3.91
N ALA A 254 -19.04 -8.51 4.90
CA ALA A 254 -18.96 -7.08 4.61
C ALA A 254 -17.56 -6.79 4.09
N LEU A 255 -16.60 -7.49 4.67
CA LEU A 255 -15.22 -7.29 4.26
C LEU A 255 -14.98 -7.80 2.84
N GLN A 256 -15.67 -8.86 2.45
CA GLN A 256 -15.61 -9.35 1.08
C GLN A 256 -16.02 -8.29 0.06
N GLN A 257 -17.18 -7.68 0.33
CA GLN A 257 -17.69 -6.62 -0.52
C GLN A 257 -16.74 -5.42 -0.56
N ALA A 258 -16.19 -5.08 0.60
CA ALA A 258 -15.25 -3.96 0.69
C ALA A 258 -14.03 -4.18 -0.19
N ILE A 259 -13.49 -5.41 -0.13
CA ILE A 259 -12.35 -5.76 -0.97
C ILE A 259 -12.70 -5.55 -2.46
N SER A 260 -13.87 -6.05 -2.87
CA SER A 260 -14.28 -5.88 -4.25
C SER A 260 -14.40 -4.40 -4.65
N LEU A 261 -14.94 -3.59 -3.75
CA LEU A 261 -15.07 -2.17 -4.01
C LEU A 261 -13.70 -1.53 -4.26
N THR A 262 -12.65 -2.01 -3.55
CA THR A 262 -11.34 -1.37 -3.76
C THR A 262 -10.78 -1.58 -5.17
N HIS A 263 -11.30 -2.58 -5.89
CA HIS A 263 -10.84 -2.88 -7.28
C HIS A 263 -11.49 -2.02 -8.34
N GLN A 264 -12.59 -1.38 -7.98
CA GLN A 264 -13.35 -0.61 -8.96
C GLN A 264 -12.60 0.64 -9.41
N GLY A 265 -12.56 0.85 -10.72
CA GLY A 265 -11.79 1.96 -11.29
C GLY A 265 -12.54 3.27 -11.21
N HIS A 266 -11.82 4.35 -10.92
CA HIS A 266 -12.41 5.69 -10.92
C HIS A 266 -12.01 6.51 -12.13
N TYR A 267 -10.73 6.49 -12.47
CA TYR A 267 -10.22 7.23 -13.60
C TYR A 267 -8.86 6.65 -13.91
N SER A 268 -8.28 7.07 -15.02
CA SER A 268 -6.94 6.62 -15.40
C SER A 268 -5.98 7.79 -15.54
N VAL A 269 -4.70 7.46 -15.46
CA VAL A 269 -3.57 8.33 -15.81
C VAL A 269 -2.65 7.44 -16.64
N GLY A 270 -2.49 7.76 -17.91
CA GLY A 270 -1.84 6.85 -18.82
C GLY A 270 -2.47 5.47 -18.78
N GLY A 271 -1.62 4.46 -18.63
CA GLY A 271 -2.09 3.10 -18.59
C GLY A 271 -2.54 2.60 -17.22
N MET A 272 -2.49 3.49 -16.23
CA MET A 272 -2.84 3.10 -14.85
C MET A 272 -4.27 3.55 -14.55
N THR A 273 -5.06 2.68 -13.93
CA THR A 273 -6.37 3.07 -13.46
C THR A 273 -6.38 3.10 -11.93
N GLN A 274 -6.88 4.21 -11.40
CA GLN A 274 -6.88 4.43 -9.94
C GLN A 274 -8.13 3.82 -9.33
N GLY A 275 -7.92 2.86 -8.45
CA GLY A 275 -8.99 2.34 -7.61
C GLY A 275 -8.91 3.00 -6.23
N LEU A 276 -9.52 2.35 -5.24
CA LEU A 276 -9.37 2.78 -3.86
C LEU A 276 -8.11 2.08 -3.32
N GLY A 277 -7.01 2.83 -3.17
CA GLY A 277 -5.74 2.29 -2.68
C GLY A 277 -4.98 1.59 -3.82
N TRP A 278 -5.55 0.49 -4.32
CA TRP A 278 -4.94 -0.24 -5.44
C TRP A 278 -4.91 0.58 -6.72
N GLU A 279 -3.84 0.39 -7.48
CA GLU A 279 -3.71 0.96 -8.82
C GLU A 279 -3.61 -0.22 -9.79
N SER A 280 -4.29 -0.13 -10.93
CA SER A 280 -4.44 -1.30 -11.76
C SER A 280 -4.11 -1.05 -13.24
N TYR A 281 -3.83 -2.16 -13.92
CA TYR A 281 -3.35 -2.22 -15.30
C TYR A 281 -3.99 -3.40 -16.00
N ALA A 282 -4.24 -3.26 -17.31
CA ALA A 282 -4.54 -4.41 -18.11
C ALA A 282 -3.36 -5.37 -18.08
N TYR A 283 -3.64 -6.67 -17.97
CA TYR A 283 -2.59 -7.68 -17.88
C TYR A 283 -2.78 -8.66 -19.02
N PRO A 284 -1.69 -9.14 -19.64
CA PRO A 284 -0.27 -8.83 -19.50
C PRO A 284 0.02 -7.36 -19.65
N VAL A 285 0.99 -6.88 -18.88
CA VAL A 285 1.39 -5.49 -18.88
C VAL A 285 2.89 -5.41 -19.27
N THR A 286 3.23 -4.44 -20.12
CA THR A 286 4.65 -4.25 -20.43
C THR A 286 5.33 -3.63 -19.24
N GLU A 287 6.62 -3.91 -19.10
CA GLU A 287 7.44 -3.28 -18.10
C GLU A 287 7.36 -1.76 -18.28
N GLN A 288 7.41 -1.29 -19.52
CA GLN A 288 7.35 0.15 -19.78
C GLN A 288 6.08 0.78 -19.16
N THR A 289 4.93 0.12 -19.35
CA THR A 289 3.66 0.65 -18.85
C THR A 289 3.64 0.67 -17.34
N LEU A 290 4.12 -0.42 -16.74
CA LEU A 290 4.15 -0.52 -15.29
C LEU A 290 5.13 0.52 -14.69
N LEU A 291 6.25 0.73 -15.37
CA LEU A 291 7.20 1.74 -14.94
C LEU A 291 6.59 3.14 -15.05
N ALA A 292 5.89 3.41 -16.16
CA ALA A 292 5.33 4.75 -16.35
C ALA A 292 4.28 5.06 -15.30
N GLY A 293 3.47 4.06 -14.95
CA GLY A 293 2.38 4.27 -13.98
C GLY A 293 2.91 4.49 -12.58
N ASN A 294 4.13 4.01 -12.35
CA ASN A 294 4.83 4.16 -11.07
C ASN A 294 6.02 5.14 -11.14
N SER A 295 5.96 6.06 -12.09
CA SER A 295 7.06 6.97 -12.36
C SER A 295 6.97 8.25 -11.53
N ALA A 296 8.07 9.00 -11.49
CA ALA A 296 8.09 10.27 -10.79
C ALA A 296 7.03 11.23 -11.28
N LYS A 297 6.78 11.23 -12.58
CA LYS A 297 5.74 12.06 -13.14
C LYS A 297 4.37 11.75 -12.50
N VAL A 298 4.05 10.47 -12.36
CA VAL A 298 2.74 10.09 -11.82
C VAL A 298 2.70 10.28 -10.30
N ILE A 299 3.82 10.01 -9.63
CA ILE A 299 3.90 10.18 -8.18
C ILE A 299 3.93 11.64 -7.74
N LEU A 300 4.61 12.50 -8.49
CA LEU A 300 4.95 13.82 -7.92
C LEU A 300 4.23 14.97 -8.56
N GLU A 301 3.76 14.79 -9.79
CA GLU A 301 3.08 15.88 -10.52
C GLU A 301 1.56 15.70 -10.50
N ALA A 302 0.82 16.79 -10.66
CA ALA A 302 -0.60 16.70 -10.97
C ALA A 302 -0.78 16.20 -12.40
N ASN A 303 -1.60 15.18 -12.58
CA ASN A 303 -1.93 14.65 -13.90
C ASN A 303 -3.44 14.71 -14.09
N PRO A 304 -3.90 15.06 -15.29
CA PRO A 304 -5.36 15.10 -15.47
C PRO A 304 -5.96 13.70 -15.42
N THR A 305 -7.18 13.62 -14.91
CA THR A 305 -7.89 12.35 -14.85
C THR A 305 -8.50 12.04 -16.22
N ALA A 306 -8.36 10.81 -16.67
CA ALA A 306 -9.00 10.33 -17.89
C ALA A 306 -9.95 9.16 -17.57
N ALA A 307 -10.71 8.71 -18.57
CA ALA A 307 -11.61 7.59 -18.39
C ALA A 307 -10.93 6.35 -17.79
N PRO A 308 -11.57 5.72 -16.80
CA PRO A 308 -11.00 4.49 -16.24
C PRO A 308 -11.04 3.37 -17.25
N ARG A 309 -10.11 2.43 -17.14
CA ARG A 309 -10.12 1.25 -17.97
C ARG A 309 -11.45 0.52 -17.77
N GLU A 310 -11.98 0.00 -18.87
CA GLU A 310 -13.19 -0.78 -18.79
C GLU A 310 -12.98 -1.98 -17.87
N SER A 311 -14.01 -2.31 -17.11
CA SER A 311 -13.99 -3.40 -16.17
C SER A 311 -13.97 -4.76 -16.88
N GLY A 312 -13.24 -5.73 -16.33
CA GLY A 312 -13.21 -7.08 -16.89
C GLY A 312 -11.86 -7.46 -17.45
N SER A 313 -11.74 -8.68 -17.96
CA SER A 313 -10.51 -9.18 -18.56
C SER A 313 -9.41 -9.37 -17.51
N GLN A 314 -8.18 -9.58 -17.95
CA GLN A 314 -7.15 -9.81 -16.93
C GLN A 314 -6.63 -8.45 -16.48
N VAL A 315 -6.44 -8.35 -15.16
CA VAL A 315 -6.04 -7.08 -14.55
C VAL A 315 -4.95 -7.37 -13.52
N LEU A 316 -3.94 -6.50 -13.49
CA LEU A 316 -2.92 -6.54 -12.44
C LEU A 316 -3.17 -5.38 -11.48
N PHE A 317 -3.11 -5.65 -10.20
CA PHE A 317 -3.22 -4.61 -9.17
C PHE A 317 -1.88 -4.45 -8.51
N ASN A 318 -1.50 -3.22 -8.12
CA ASN A 318 -0.22 -3.06 -7.44
C ASN A 318 -0.24 -1.88 -6.51
N LYS A 319 0.76 -1.82 -5.64
CA LYS A 319 1.02 -0.61 -4.86
C LYS A 319 2.46 -0.62 -4.38
N THR A 320 3.15 0.52 -4.53
CA THR A 320 4.48 0.76 -3.96
C THR A 320 4.36 1.46 -2.62
N GLY A 321 5.38 1.33 -1.79
CA GLY A 321 5.40 2.11 -0.55
C GLY A 321 6.81 2.15 -0.05
N SER A 322 7.16 3.25 0.62
CA SER A 322 8.48 3.35 1.24
C SER A 322 8.42 4.19 2.50
N THR A 323 9.41 3.98 3.35
CA THR A 323 9.71 4.91 4.43
C THR A 323 11.20 5.21 4.30
N ASN A 324 11.77 6.03 5.18
CA ASN A 324 13.19 6.34 5.01
C ASN A 324 14.10 5.11 5.02
N GLY A 325 13.69 4.07 5.77
CA GLY A 325 14.53 2.88 5.88
C GLY A 325 14.00 1.65 5.18
N PHE A 326 12.85 1.75 4.51
CA PHE A 326 12.17 0.56 3.97
C PHE A 326 11.63 0.77 2.56
N GLY A 327 11.59 -0.30 1.78
CA GLY A 327 10.98 -0.25 0.46
C GLY A 327 10.14 -1.49 0.19
N ALA A 328 8.85 -1.29 -0.12
CA ALA A 328 7.90 -2.37 -0.31
C ALA A 328 7.22 -2.32 -1.67
N TYR A 329 6.81 -3.48 -2.15
CA TYR A 329 5.99 -3.54 -3.36
C TYR A 329 5.11 -4.76 -3.33
N VAL A 330 3.87 -4.63 -3.84
CA VAL A 330 2.99 -5.78 -3.99
C VAL A 330 2.29 -5.68 -5.34
N ALA A 331 2.19 -6.80 -6.03
CA ALA A 331 1.45 -6.85 -7.29
C ALA A 331 0.81 -8.20 -7.46
N PHE A 332 -0.41 -8.23 -7.99
CA PHE A 332 -1.05 -9.54 -8.18
C PHE A 332 -2.05 -9.49 -9.31
N VAL A 333 -2.40 -10.67 -9.84
CA VAL A 333 -3.25 -10.81 -11.01
C VAL A 333 -4.29 -11.87 -10.68
N PRO A 334 -5.47 -11.47 -10.18
CA PRO A 334 -6.49 -12.45 -9.79
C PRO A 334 -6.83 -13.47 -10.87
N ALA A 335 -6.92 -13.03 -12.12
CA ALA A 335 -7.38 -13.91 -13.21
C ALA A 335 -6.40 -15.05 -13.49
N ARG A 336 -5.13 -14.88 -13.08
CA ARG A 336 -4.10 -15.91 -13.22
C ARG A 336 -3.70 -16.58 -11.90
N GLY A 337 -4.27 -16.12 -10.79
CA GLY A 337 -3.95 -16.69 -9.50
C GLY A 337 -2.49 -16.49 -9.13
N ILE A 338 -1.90 -15.37 -9.52
CA ILE A 338 -0.50 -15.12 -9.18
C ILE A 338 -0.31 -13.83 -8.42
N GLY A 339 0.76 -13.75 -7.64
CA GLY A 339 1.02 -12.55 -6.90
C GLY A 339 2.42 -12.53 -6.33
N ILE A 340 2.90 -11.33 -6.01
CA ILE A 340 4.21 -11.19 -5.38
C ILE A 340 4.22 -10.05 -4.37
N VAL A 341 4.88 -10.32 -3.25
CA VAL A 341 5.17 -9.37 -2.20
C VAL A 341 6.66 -9.27 -2.02
N MET A 342 7.20 -8.04 -1.99
CA MET A 342 8.64 -7.80 -1.82
C MET A 342 8.82 -6.75 -0.75
N LEU A 343 9.29 -7.16 0.44
CA LEU A 343 9.50 -6.24 1.57
C LEU A 343 10.99 -6.16 1.92
N ALA A 344 11.55 -4.96 1.84
CA ALA A 344 12.99 -4.77 2.12
C ALA A 344 13.19 -3.73 3.19
N ASN A 345 14.31 -3.83 3.92
CA ASN A 345 14.68 -2.77 4.86
C ASN A 345 15.77 -1.84 4.31
N ARG A 346 15.59 -1.49 3.04
CA ARG A 346 16.22 -0.31 2.45
C ARG A 346 15.21 0.28 1.46
N ASN A 347 15.16 1.60 1.37
CA ASN A 347 14.33 2.27 0.37
C ASN A 347 15.13 2.37 -0.96
N TYR A 348 15.01 1.33 -1.77
CA TYR A 348 15.75 1.21 -3.02
C TYR A 348 14.79 1.56 -4.16
N PRO A 349 15.31 1.93 -5.34
CA PRO A 349 14.44 2.55 -6.35
C PRO A 349 13.21 1.74 -6.79
N ILE A 350 12.10 2.45 -6.89
CA ILE A 350 10.84 1.86 -7.38
C ILE A 350 11.03 1.15 -8.72
N GLU A 351 11.86 1.70 -9.63
CA GLU A 351 12.01 1.07 -10.95
C GLU A 351 12.56 -0.34 -10.80
N ALA A 352 13.45 -0.56 -9.83
CA ALA A 352 14.03 -1.87 -9.60
C ALA A 352 13.01 -2.86 -9.04
N ARG A 353 12.10 -2.34 -8.21
CA ARG A 353 11.02 -3.17 -7.68
C ARG A 353 10.14 -3.67 -8.82
N ILE A 354 9.75 -2.75 -9.70
CA ILE A 354 8.88 -3.04 -10.83
C ILE A 354 9.55 -4.03 -11.78
N LYS A 355 10.80 -3.78 -12.14
CA LYS A 355 11.47 -4.71 -13.07
C LYS A 355 11.47 -6.15 -12.55
N ALA A 356 11.86 -6.32 -11.29
CA ALA A 356 11.94 -7.65 -10.69
C ALA A 356 10.57 -8.31 -10.57
N ALA A 357 9.59 -7.56 -10.08
CA ALA A 357 8.24 -8.12 -9.97
C ALA A 357 7.64 -8.49 -11.32
N HIS A 358 7.81 -7.64 -12.33
CA HIS A 358 7.28 -7.93 -13.64
C HIS A 358 7.90 -9.22 -14.19
N ALA A 359 9.21 -9.35 -14.05
CA ALA A 359 9.91 -10.52 -14.56
C ALA A 359 9.47 -11.79 -13.86
N ILE A 360 9.35 -11.74 -12.55
CA ILE A 360 8.94 -12.93 -11.78
C ILE A 360 7.51 -13.29 -12.15
N LEU A 361 6.60 -12.30 -12.16
CA LEU A 361 5.20 -12.62 -12.48
C LEU A 361 5.04 -13.21 -13.87
N ALA A 362 5.81 -12.73 -14.82
CA ALA A 362 5.69 -13.25 -16.19
C ALA A 362 6.06 -14.73 -16.25
N GLN A 363 7.05 -15.15 -15.45
CA GLN A 363 7.39 -16.57 -15.35
C GLN A 363 6.32 -17.38 -14.63
N LEU A 364 5.72 -16.79 -13.61
CA LEU A 364 4.68 -17.47 -12.84
C LEU A 364 3.43 -17.66 -13.70
N ALA A 365 3.17 -16.74 -14.63
CA ALA A 365 1.94 -16.78 -15.44
C ALA A 365 1.90 -17.97 -16.42
N GLY A 366 3.02 -18.27 -17.06
CA GLY A 366 3.11 -19.40 -17.98
C GLY A 366 2.26 -19.41 -19.26
#